data_5NPY
#
_entry.id   5NPY
#
_cell.length_a   43.209
_cell.length_b   49.592
_cell.length_c   238.261
_cell.angle_alpha   90.00
_cell.angle_beta   90.00
_cell.angle_gamma   90.00
#
_symmetry.space_group_name_H-M   'P 21 21 21'
#
loop_
_entity.id
_entity.type
_entity.pdbx_description
1 polymer 'Flagellar basal body protein'
2 non-polymer TRIS-HYDROXYMETHYL-METHYL-AMMONIUM
3 water water
#
_entity_poly.entity_id   1
_entity_poly.type   'polypeptide(L)'
_entity_poly.pdbx_seq_one_letter_code
;MNDTLLNAYSGIKTHQFGIDSLSNNIANVNTLGYRSNDPEFKTLFSSHLDALNAKSVVTNDRNYGVTGSGNVLSNKDGEY
MPSEGEFHMAYQGKGWFVIGPNKNGEMTINKDGFSKKQDNFLTRAGNFARDADGYLVTPEGYYVYGIDLKKIKDGTLNST
ARDEDIEKLHGNTLSPLQIPQDLTYQPVLSTKVGISVNLNPKDHLKGVQDFFLNDKGEIIKERFLNQDINALANDDNEPI
DAITNRKLNVSIQKENGKKEDFVFTYGDAEKGENQFKTLGDLQKLLKEKTGLDLNLIKSEKDAKSPPLLLEIANPSQTPI
TFSLSGGIADKLGLNANGMELKKGISRDSVAIKIPYYSTEVDIYDKAGDKYLLQSEYYMTNSNDPTSSPTSKRKNQTWEV
KSYIVDPKNKTPINDPTWEIVGFDSATHKMKSAPMTLDFKGNKLTYSLDKSENHDSSDLSYQDSKLLEASQDGKPRGIFR
DMRIEENGVISLAFSNGVVEPVARIGILAFTNDQGLRKIGGNLYEMQEGTINGENRPLSGNPILGWDEEGKLKFGKIRHK
YLETSNVNAGNALTNLILMQRGYSMNARAFGAGDDMIKEAISLKKENLYFQSHHHHHH
;
_entity_poly.pdbx_strand_id   A
#
loop_
_chem_comp.id
_chem_comp.type
_chem_comp.name
_chem_comp.formula
144 non-polymer TRIS-HYDROXYMETHYL-METHYL-AMMONIUM 'C4 H12 N O3 1'
#
# COMPACT_ATOMS: atom_id res chain seq x y z
N MET A 81 44.99 -9.83 7.78
CA MET A 81 44.85 -11.22 7.32
C MET A 81 43.38 -11.62 7.15
N PRO A 82 42.99 -12.05 5.94
CA PRO A 82 41.60 -12.48 5.71
C PRO A 82 41.25 -13.71 6.51
N SER A 83 39.95 -14.00 6.55
CA SER A 83 39.48 -15.14 7.32
C SER A 83 38.15 -15.63 6.75
N GLU A 84 37.78 -16.84 7.15
CA GLU A 84 36.63 -17.55 6.62
C GLU A 84 35.42 -17.56 7.54
N GLY A 85 35.63 -17.70 8.85
CA GLY A 85 34.57 -17.87 9.82
C GLY A 85 33.45 -16.83 9.82
N GLU A 86 32.24 -17.25 10.22
CA GLU A 86 31.07 -16.40 10.06
C GLU A 86 31.10 -15.17 10.98
N PHE A 87 31.77 -15.26 12.13
CA PHE A 87 31.84 -14.14 13.05
C PHE A 87 33.27 -13.66 13.28
N HIS A 88 34.20 -14.04 12.41
CA HIS A 88 35.54 -13.46 12.49
C HIS A 88 35.48 -12.01 12.01
N MET A 89 36.10 -11.11 12.78
CA MET A 89 36.05 -9.70 12.45
C MET A 89 37.26 -9.00 13.05
N ALA A 90 37.51 -7.79 12.57
CA ALA A 90 38.65 -6.99 13.02
C ALA A 90 38.22 -5.53 13.17
N TYR A 91 38.70 -4.89 14.23
CA TYR A 91 38.38 -3.52 14.56
C TYR A 91 39.58 -2.63 14.22
N GLN A 92 39.34 -1.60 13.41
CA GLN A 92 40.33 -0.56 13.17
C GLN A 92 39.99 0.67 13.99
N GLY A 93 41.01 1.37 14.48
CA GLY A 93 40.79 2.54 15.30
C GLY A 93 40.99 2.27 16.78
N LYS A 94 40.59 3.24 17.60
CA LYS A 94 40.73 3.15 19.03
C LYS A 94 39.47 2.53 19.65
N GLY A 95 39.68 1.57 20.54
CA GLY A 95 38.56 0.88 21.16
C GLY A 95 38.72 -0.62 21.29
N TRP A 96 37.72 -1.27 21.89
CA TRP A 96 37.82 -2.66 22.31
C TRP A 96 36.51 -3.39 22.06
N PHE A 97 36.63 -4.65 21.65
CA PHE A 97 35.53 -5.58 21.81
C PHE A 97 35.25 -5.77 23.29
N VAL A 98 34.02 -6.14 23.62
CA VAL A 98 33.60 -6.36 25.01
C VAL A 98 33.14 -7.79 25.16
N ILE A 99 33.61 -8.46 26.20
CA ILE A 99 33.27 -9.85 26.48
C ILE A 99 33.16 -10.06 27.99
N GLY A 100 32.59 -11.20 28.35
CA GLY A 100 32.34 -11.53 29.73
C GLY A 100 32.04 -13.00 29.92
N PRO A 101 32.15 -13.49 31.16
CA PRO A 101 32.01 -14.92 31.42
C PRO A 101 30.60 -15.46 31.62
N ASN A 102 29.57 -14.62 31.63
CA ASN A 102 28.23 -15.00 32.06
C ASN A 102 27.26 -14.77 30.90
N LYS A 103 26.68 -15.86 30.40
CA LYS A 103 25.55 -15.79 29.47
C LYS A 103 24.28 -15.52 30.25
N ASN A 104 23.61 -14.42 29.91
CA ASN A 104 22.50 -13.74 30.59
C ASN A 104 23.04 -12.52 31.34
N GLY A 105 24.28 -12.12 31.02
CA GLY A 105 24.86 -10.94 31.63
C GLY A 105 24.49 -9.64 30.93
N GLU A 106 24.81 -8.50 31.52
CA GLU A 106 24.56 -7.19 30.95
C GLU A 106 25.45 -6.05 31.47
N MET A 107 25.70 -5.05 30.65
CA MET A 107 26.53 -3.92 31.05
C MET A 107 25.88 -2.67 30.48
N THR A 108 25.76 -1.65 31.30
CA THR A 108 25.15 -0.44 30.89
C THR A 108 26.18 0.63 30.96
N ILE A 109 26.28 1.44 29.93
CA ILE A 109 27.28 2.47 29.88
C ILE A 109 26.64 3.84 29.87
N ASN A 110 26.92 4.63 30.87
CA ASN A 110 26.37 5.96 30.93
C ASN A 110 27.46 6.99 30.77
N LYS A 111 27.10 8.25 30.62
CA LYS A 111 28.09 9.28 30.43
C LYS A 111 29.03 9.45 31.60
N ASP A 112 28.54 9.28 32.83
CA ASP A 112 29.41 9.36 33.98
C ASP A 112 29.99 7.97 34.18
N GLY A 113 29.53 7.09 34.42
CA GLY A 113 30.00 5.74 34.66
C GLY A 113 29.34 4.69 33.81
N PHE A 114 29.09 3.63 35.06
CA PHE A 114 28.50 2.49 34.38
C PHE A 114 28.18 1.44 35.40
N SER A 115 27.28 0.52 35.05
CA SER A 115 26.88 -0.55 35.93
C SER A 115 27.18 -1.90 35.36
N LYS A 116 27.22 -2.93 36.21
CA LYS A 116 27.57 -4.26 35.74
C LYS A 116 27.05 -5.42 36.56
N LYS A 117 27.07 -6.62 36.00
CA LYS A 117 26.70 -7.83 36.73
C LYS A 117 27.83 -8.66 37.34
N GLN A 118 28.67 -9.21 36.46
CA GLN A 118 29.84 -9.95 36.85
C GLN A 118 30.87 -9.28 36.01
N ASP A 119 32.02 -9.89 35.91
CA ASP A 119 33.10 -9.31 35.20
C ASP A 119 32.91 -9.15 33.72
N ASN A 120 33.64 -8.18 33.20
CA ASN A 120 33.66 -7.87 31.81
C ASN A 120 35.06 -7.67 31.42
N PHE A 121 35.38 -8.07 30.22
CA PHE A 121 36.72 -7.92 29.75
C PHE A 121 36.72 -7.18 28.45
N LEU A 122 37.87 -6.71 28.08
CA LEU A 122 38.06 -6.02 26.81
C LEU A 122 39.09 -6.77 25.99
N THR A 123 38.90 -6.81 24.67
CA THR A 123 39.81 -7.51 23.79
C THR A 123 39.78 -6.85 22.43
N ARG A 124 40.87 -6.99 21.68
CA ARG A 124 40.88 -6.66 20.27
C ARG A 124 40.94 -7.90 19.39
N ALA A 125 40.92 -9.11 19.99
CA ALA A 125 40.81 -10.35 19.23
C ALA A 125 39.38 -10.56 18.75
N GLY A 126 39.21 -10.68 17.43
CA GLY A 126 37.86 -10.78 16.86
C GLY A 126 37.50 -12.13 16.29
N ASN A 127 38.25 -13.18 16.63
CA ASN A 127 38.01 -14.51 16.05
C ASN A 127 36.89 -15.19 16.84
N PHE A 128 35.67 -14.71 16.61
CA PHE A 128 34.49 -15.17 17.33
C PHE A 128 33.83 -16.33 16.60
N ALA A 129 33.15 -17.17 17.38
CA ALA A 129 32.45 -18.33 16.85
C ALA A 129 31.23 -18.57 17.70
N ARG A 130 30.34 -19.44 17.20
CA ARG A 130 29.12 -19.80 17.91
C ARG A 130 29.33 -21.10 18.67
N ASP A 131 28.90 -21.12 19.94
CA ASP A 131 28.86 -22.37 20.69
C ASP A 131 27.63 -23.16 20.21
N ALA A 132 27.34 -24.28 20.90
CA ALA A 132 26.29 -25.19 20.44
C ALA A 132 24.93 -24.50 20.29
N ASP A 133 24.69 -23.44 21.07
CA ASP A 133 23.39 -22.79 21.10
C ASP A 133 23.37 -21.47 20.35
N GLY A 134 24.38 -21.22 19.52
CA GLY A 134 24.41 -20.01 18.73
C GLY A 134 24.82 -18.74 19.45
N TYR A 135 25.53 -18.86 20.58
CA TYR A 135 26.09 -17.70 21.26
C TYR A 135 27.45 -17.39 20.69
N LEU A 136 27.74 -16.10 20.51
CA LEU A 136 29.07 -15.68 20.08
C LEU A 136 30.04 -15.81 21.26
N VAL A 137 31.16 -16.50 21.02
CA VAL A 137 32.13 -16.79 22.07
C VAL A 137 33.53 -16.63 21.52
N THR A 138 34.46 -16.27 22.40
CA THR A 138 35.89 -16.29 22.13
C THR A 138 36.38 -17.74 22.19
N PRO A 139 37.67 -18.00 21.93
CA PRO A 139 38.16 -19.37 22.14
C PRO A 139 38.21 -19.80 23.60
N GLU A 140 38.25 -18.86 24.55
CA GLU A 140 38.25 -19.18 25.97
C GLU A 140 36.84 -19.34 26.54
N GLY A 141 35.82 -19.25 25.69
CA GLY A 141 34.44 -19.39 26.13
C GLY A 141 33.78 -18.13 26.67
N TYR A 142 34.40 -16.96 26.52
CA TYR A 142 33.77 -15.72 26.95
C TYR A 142 32.79 -15.24 25.88
N TYR A 143 31.66 -14.70 26.32
CA TYR A 143 30.62 -14.25 25.42
C TYR A 143 30.90 -12.85 24.91
N VAL A 144 30.50 -12.59 23.67
CA VAL A 144 30.65 -11.29 23.04
C VAL A 144 29.45 -10.41 23.39
N TYR A 145 29.72 -9.24 23.99
CA TYR A 145 28.66 -8.32 24.37
C TYR A 145 28.36 -7.32 23.26
N GLY A 146 27.08 -7.05 23.08
CA GLY A 146 26.62 -6.04 22.15
C GLY A 146 25.18 -5.67 22.43
N ILE A 147 24.58 -4.92 21.50
CA ILE A 147 23.17 -4.60 21.58
C ILE A 147 22.39 -5.79 21.04
N ASP A 148 21.77 -6.54 21.95
CA ASP A 148 20.84 -7.60 21.58
C ASP A 148 19.48 -6.95 21.32
N LEU A 149 19.02 -6.96 20.06
CA LEU A 149 17.70 -6.41 19.76
C LEU A 149 16.58 -7.31 20.27
N LYS A 150 16.90 -8.57 20.58
CA LYS A 150 15.95 -9.52 21.17
C LYS A 150 14.81 -9.79 20.20
N LYS A 151 15.17 -10.00 18.93
CA LYS A 151 14.23 -10.40 17.91
C LYS A 151 14.29 -11.89 17.59
N ILE A 152 15.23 -12.62 18.17
CA ILE A 152 15.39 -14.04 17.89
C ILE A 152 14.80 -14.81 19.06
N LYS A 153 13.72 -15.55 18.77
CA LYS A 153 13.05 -16.42 19.72
C LYS A 153 12.86 -17.77 19.06
N ASP A 154 13.51 -18.79 19.61
CA ASP A 154 13.23 -20.19 19.22
C ASP A 154 13.71 -20.50 17.80
N GLY A 155 14.93 -20.10 17.50
CA GLY A 155 15.41 -20.27 16.14
C GLY A 155 14.56 -19.59 15.08
N THR A 156 13.80 -18.57 15.45
CA THR A 156 12.99 -17.81 14.51
C THR A 156 13.15 -16.33 14.79
N LEU A 157 13.25 -15.55 13.73
CA LEU A 157 13.27 -14.11 13.87
C LEU A 157 11.84 -13.59 13.91
N ASN A 158 11.61 -12.59 14.77
CA ASN A 158 10.31 -11.95 14.92
C ASN A 158 10.45 -10.50 14.46
N SER A 159 9.74 -10.18 13.37
CA SER A 159 9.87 -8.90 12.69
C SER A 159 9.60 -7.72 13.62
N THR A 160 10.33 -6.62 13.37
CA THR A 160 10.02 -5.33 13.97
C THR A 160 10.12 -4.25 12.90
N ALA A 161 9.74 -3.04 13.28
CA ALA A 161 9.78 -1.87 12.39
C ALA A 161 11.16 -1.23 12.43
N ARG A 162 11.65 -0.84 11.25
CA ARG A 162 13.03 -0.36 11.13
C ARG A 162 13.27 0.91 11.95
N ASP A 163 12.22 1.72 12.16
CA ASP A 163 12.38 2.95 12.93
C ASP A 163 12.79 2.65 14.37
N GLU A 164 12.05 1.75 15.04
CA GLU A 164 12.36 1.44 16.44
C GLU A 164 13.66 0.64 16.57
N ASP A 165 13.99 -0.20 15.57
CA ASP A 165 15.28 -0.87 15.56
C ASP A 165 16.42 0.14 15.66
N ILE A 166 16.41 1.13 14.77
CA ILE A 166 17.49 2.09 14.67
C ILE A 166 17.69 2.84 15.99
N GLU A 167 16.60 3.13 16.69
CA GLU A 167 16.75 3.86 17.95
C GLU A 167 17.24 2.96 19.07
N LYS A 168 16.83 1.68 19.11
CA LYS A 168 17.44 0.76 20.07
C LYS A 168 18.89 0.45 19.72
N LEU A 169 19.27 0.59 18.45
CA LEU A 169 20.61 0.31 17.98
C LEU A 169 21.64 1.35 18.43
N HIS A 170 21.23 2.44 19.07
CA HIS A 170 22.17 3.37 19.70
C HIS A 170 22.06 3.34 21.22
N GLY A 171 21.38 2.33 21.78
CA GLY A 171 21.23 2.17 23.21
C GLY A 171 22.53 1.94 23.96
N ASN A 172 22.45 1.79 25.28
CA ASN A 172 23.63 1.78 26.12
C ASN A 172 23.75 0.55 27.01
N THR A 173 22.94 -0.47 26.80
CA THR A 173 23.00 -1.70 27.60
C THR A 173 23.43 -2.86 26.72
N LEU A 174 24.59 -3.45 27.03
CA LEU A 174 25.18 -4.51 26.25
C LEU A 174 24.97 -5.85 26.95
N SER A 175 24.76 -6.89 26.15
CA SER A 175 24.56 -8.24 26.69
C SER A 175 25.12 -9.23 25.69
N PRO A 176 25.19 -10.52 26.06
CA PRO A 176 25.68 -11.53 25.10
C PRO A 176 24.77 -11.64 23.89
N LEU A 177 25.40 -11.74 22.72
CA LEU A 177 24.67 -11.88 21.46
C LEU A 177 24.42 -13.36 21.18
N GLN A 178 23.21 -13.69 20.76
CA GLN A 178 22.81 -15.06 20.46
C GLN A 178 22.16 -15.10 19.07
N ILE A 179 22.92 -15.54 18.08
CA ILE A 179 22.42 -15.68 16.73
C ILE A 179 22.56 -17.14 16.32
N PRO A 180 21.56 -17.98 16.56
CA PRO A 180 21.67 -19.39 16.18
C PRO A 180 21.80 -19.55 14.67
N GLN A 181 22.06 -20.80 14.25
CA GLN A 181 22.33 -21.12 12.85
C GLN A 181 21.05 -21.41 12.07
N ASP A 182 20.31 -22.45 12.47
CA ASP A 182 19.02 -22.72 11.86
C ASP A 182 18.02 -21.66 12.29
N LEU A 183 17.90 -20.60 11.50
CA LEU A 183 16.98 -19.51 11.80
C LEU A 183 15.94 -19.43 10.69
N THR A 184 14.68 -19.64 11.03
CA THR A 184 13.58 -19.35 10.12
C THR A 184 13.01 -17.97 10.43
N TYR A 185 12.24 -17.46 9.48
CA TYR A 185 11.52 -16.20 9.62
C TYR A 185 10.05 -16.51 9.82
N GLN A 186 9.50 -16.17 10.97
CA GLN A 186 8.09 -16.50 11.21
C GLN A 186 7.23 -15.61 10.32
N PRO A 187 6.24 -16.17 9.64
CA PRO A 187 5.32 -15.33 8.87
C PRO A 187 4.46 -14.49 9.79
N VAL A 188 3.86 -13.46 9.21
CA VAL A 188 3.01 -12.51 9.93
C VAL A 188 1.67 -12.40 9.21
N LEU A 189 0.59 -12.42 9.99
CA LEU A 189 -0.74 -12.23 9.41
C LEU A 189 -0.93 -10.77 9.01
N SER A 190 -1.45 -10.56 7.80
CA SER A 190 -1.75 -9.23 7.29
C SER A 190 -3.02 -8.74 7.98
N THR A 191 -2.90 -7.73 8.84
CA THR A 191 -4.07 -7.10 9.45
C THR A 191 -4.25 -5.65 9.03
N LYS A 192 -3.43 -5.13 8.13
CA LYS A 192 -3.42 -3.70 7.86
C LYS A 192 -2.83 -3.49 6.48
N VAL A 193 -3.61 -2.96 5.54
CA VAL A 193 -3.14 -2.73 4.18
C VAL A 193 -3.51 -1.31 3.76
N GLY A 194 -2.51 -0.54 3.35
CA GLY A 194 -2.70 0.80 2.80
C GLY A 194 -2.05 0.93 1.43
N ILE A 195 -2.84 1.22 0.39
CA ILE A 195 -2.30 1.32 -0.96
C ILE A 195 -2.34 2.77 -1.43
N SER A 196 -1.34 3.13 -2.21
CA SER A 196 -1.35 4.36 -2.98
C SER A 196 -1.55 3.96 -4.43
N VAL A 197 -2.61 4.48 -5.04
CA VAL A 197 -2.99 4.22 -6.42
C VAL A 197 -3.37 5.53 -7.07
N ASN A 198 -2.98 5.70 -8.32
CA ASN A 198 -3.46 6.81 -9.10
C ASN A 198 -4.56 6.27 -10.00
N LEU A 199 -5.66 7.01 -10.10
CA LEU A 199 -6.79 6.57 -10.91
C LEU A 199 -6.99 7.59 -12.03
N ASN A 200 -6.68 7.18 -13.25
CA ASN A 200 -6.80 8.10 -14.37
C ASN A 200 -8.10 7.82 -15.12
N PRO A 201 -8.92 8.84 -15.34
CA PRO A 201 -10.26 8.61 -15.92
C PRO A 201 -10.27 8.27 -17.40
N LYS A 202 -9.11 8.23 -18.06
CA LYS A 202 -9.05 8.00 -19.50
C LYS A 202 -8.17 6.80 -19.87
N ASP A 203 -7.85 5.93 -18.91
CA ASP A 203 -7.08 4.73 -19.22
C ASP A 203 -7.84 3.49 -19.67
N HIS A 204 -8.62 2.89 -18.78
CA HIS A 204 -9.21 1.59 -19.05
C HIS A 204 -10.71 1.79 -18.95
N LEU A 205 -11.44 0.98 -19.71
CA LEU A 205 -12.89 0.99 -19.72
C LEU A 205 -13.38 -0.44 -19.61
N LYS A 206 -14.57 -0.59 -19.04
CA LYS A 206 -15.32 -1.83 -19.05
C LYS A 206 -16.75 -1.53 -19.51
N GLY A 207 -17.37 -2.55 -20.11
CA GLY A 207 -18.79 -2.46 -20.35
C GLY A 207 -19.46 -2.07 -19.06
N VAL A 208 -20.46 -1.19 -19.17
CA VAL A 208 -21.09 -0.67 -17.98
C VAL A 208 -21.88 -1.75 -17.25
N GLN A 209 -22.19 -2.88 -17.92
CA GLN A 209 -22.87 -3.99 -17.25
C GLN A 209 -22.08 -4.50 -16.06
N ASP A 210 -20.76 -4.27 -16.05
CA ASP A 210 -19.90 -4.65 -14.92
C ASP A 210 -20.30 -3.96 -13.63
N PHE A 211 -20.89 -2.75 -13.73
CA PHE A 211 -21.28 -1.94 -12.58
C PHE A 211 -22.79 -1.81 -12.43
N PHE A 212 -23.54 -1.72 -13.55
CA PHE A 212 -24.98 -1.49 -13.53
C PHE A 212 -25.80 -2.76 -13.27
N LEU A 213 -25.24 -3.95 -13.48
CA LEU A 213 -25.91 -5.21 -13.19
C LEU A 213 -25.44 -5.79 -11.86
N ASN A 214 -26.32 -6.55 -11.21
CA ASN A 214 -25.93 -7.26 -10.00
C ASN A 214 -25.50 -8.69 -10.35
N ASP A 215 -25.14 -9.47 -9.32
CA ASP A 215 -24.66 -10.83 -9.54
C ASP A 215 -25.64 -11.68 -10.36
N LYS A 216 -26.93 -11.44 -10.22
CA LYS A 216 -27.95 -12.14 -11.00
C LYS A 216 -28.23 -11.48 -12.36
N GLY A 217 -27.38 -10.56 -12.80
CA GLY A 217 -27.59 -9.88 -14.07
C GLY A 217 -28.80 -8.99 -14.12
N GLU A 218 -29.24 -8.44 -13.00
CA GLU A 218 -30.36 -7.52 -12.99
C GLU A 218 -29.88 -6.09 -12.80
N ILE A 219 -30.68 -5.13 -13.27
CA ILE A 219 -30.27 -3.73 -13.31
C ILE A 219 -30.34 -3.11 -11.92
N ILE A 220 -29.26 -2.46 -11.51
CA ILE A 220 -29.24 -1.71 -10.24
C ILE A 220 -29.71 -0.30 -10.56
N LYS A 221 -31.02 -0.07 -10.41
CA LYS A 221 -31.67 1.14 -10.91
C LYS A 221 -30.93 2.41 -10.49
N GLU A 222 -30.53 2.48 -9.22
CA GLU A 222 -29.98 3.70 -8.66
C GLU A 222 -28.54 3.98 -9.12
N ARG A 223 -27.78 2.95 -9.48
CA ARG A 223 -26.49 3.22 -10.09
C ARG A 223 -26.67 3.87 -11.45
N PHE A 224 -27.62 3.35 -12.24
CA PHE A 224 -27.94 3.98 -13.52
C PHE A 224 -28.38 5.43 -13.35
N LEU A 225 -29.22 5.71 -12.34
CA LEU A 225 -29.76 7.07 -12.23
C LEU A 225 -28.67 8.06 -11.85
N ASN A 226 -27.74 7.65 -10.97
CA ASN A 226 -26.75 8.54 -10.37
C ASN A 226 -25.40 8.58 -11.11
N GLN A 227 -25.29 7.94 -12.27
CA GLN A 227 -24.06 7.94 -13.02
C GLN A 227 -23.93 9.24 -13.81
N ASP A 228 -22.86 9.97 -13.54
CA ASP A 228 -22.51 11.15 -14.33
C ASP A 228 -22.31 10.73 -15.81
N ILE A 229 -23.08 11.32 -16.71
CA ILE A 229 -22.99 10.97 -18.12
C ILE A 229 -21.61 11.29 -18.71
N ASN A 230 -20.87 12.25 -18.14
CA ASN A 230 -19.48 12.51 -18.52
C ASN A 230 -18.51 11.46 -17.99
N ALA A 231 -18.94 10.62 -17.03
CA ALA A 231 -18.13 9.50 -16.55
C ALA A 231 -18.43 8.23 -17.34
N LEU A 232 -18.45 8.39 -18.66
CA LEU A 232 -18.83 7.31 -19.57
C LEU A 232 -18.02 7.39 -20.86
N ALA A 233 -18.12 6.33 -21.66
CA ALA A 233 -17.54 6.31 -23.01
C ALA A 233 -18.43 5.41 -23.86
N ASN A 234 -18.37 5.62 -25.19
CA ASN A 234 -19.16 4.81 -26.10
C ASN A 234 -18.42 3.52 -26.47
N ASP A 235 -19.00 2.77 -27.41
CA ASP A 235 -18.51 1.44 -27.76
C ASP A 235 -17.14 1.48 -28.43
N ASP A 236 -16.79 2.57 -29.09
CA ASP A 236 -15.46 2.72 -29.67
C ASP A 236 -14.50 3.41 -28.70
N ASN A 237 -14.86 3.48 -27.42
CA ASN A 237 -14.02 3.91 -26.30
C ASN A 237 -13.78 5.42 -26.27
N GLU A 238 -14.55 6.17 -27.00
CA GLU A 238 -14.43 7.61 -26.95
C GLU A 238 -15.15 8.13 -25.72
N PRO A 239 -14.49 8.88 -24.84
CA PRO A 239 -15.21 9.56 -23.76
C PRO A 239 -16.38 10.35 -24.31
N ILE A 240 -17.47 10.38 -23.54
CA ILE A 240 -18.62 11.17 -23.98
C ILE A 240 -18.27 12.66 -23.99
N ASP A 241 -17.39 13.09 -23.08
CA ASP A 241 -16.81 14.43 -23.09
C ASP A 241 -17.89 15.52 -23.02
N ALA A 242 -18.89 15.27 -22.16
CA ALA A 242 -19.93 16.27 -21.89
C ALA A 242 -19.33 17.62 -21.53
N ILE A 243 -18.13 17.63 -20.94
CA ILE A 243 -17.56 18.88 -20.44
C ILE A 243 -17.36 19.88 -21.56
N THR A 244 -16.86 19.43 -22.70
CA THR A 244 -16.63 20.40 -23.76
C THR A 244 -17.74 20.44 -24.80
N ASN A 245 -18.69 19.50 -24.79
CA ASN A 245 -19.90 19.57 -25.65
C ASN A 245 -21.15 19.42 -24.78
N ARG A 246 -21.56 20.53 -24.14
CA ARG A 246 -22.61 20.55 -23.14
C ARG A 246 -24.03 20.57 -23.70
N LYS A 247 -24.23 21.00 -24.95
CA LYS A 247 -25.56 21.30 -25.46
C LYS A 247 -26.20 20.06 -26.07
N LEU A 248 -27.46 19.82 -25.70
CA LEU A 248 -28.32 18.82 -26.32
C LEU A 248 -29.57 19.52 -26.81
N ASN A 249 -29.79 19.52 -28.13
CA ASN A 249 -30.97 20.10 -28.73
C ASN A 249 -31.98 19.00 -29.01
N VAL A 250 -33.17 19.13 -28.44
CA VAL A 250 -34.25 18.18 -28.61
C VAL A 250 -35.48 18.92 -29.12
N SER A 251 -36.18 18.32 -30.09
CA SER A 251 -37.38 18.89 -30.66
C SER A 251 -38.47 17.84 -30.73
N ILE A 252 -39.72 18.30 -30.64
CA ILE A 252 -40.91 17.48 -30.89
C ILE A 252 -41.77 18.20 -31.91
N GLN A 253 -42.66 17.44 -32.56
CA GLN A 253 -43.66 18.03 -33.45
C GLN A 253 -45.05 17.94 -32.83
N LYS A 259 -44.01 21.97 -34.63
CA LYS A 259 -42.73 21.65 -34.03
C LYS A 259 -42.55 22.33 -32.67
N GLU A 260 -41.42 22.07 -32.01
CA GLU A 260 -41.10 22.65 -30.69
C GLU A 260 -39.69 22.29 -30.24
N ASP A 261 -38.86 23.30 -29.94
CA ASP A 261 -37.46 23.10 -29.61
C ASP A 261 -37.20 23.25 -28.12
N PHE A 262 -36.18 22.52 -27.64
CA PHE A 262 -35.70 22.58 -26.26
C PHE A 262 -34.18 22.45 -26.25
N VAL A 263 -33.53 23.14 -25.32
CA VAL A 263 -32.10 23.00 -25.11
C VAL A 263 -31.86 22.52 -23.69
N PHE A 264 -31.17 21.40 -23.56
CA PHE A 264 -30.61 20.92 -22.31
C PHE A 264 -29.10 21.14 -22.35
N THR A 265 -28.51 21.40 -21.18
CA THR A 265 -27.10 21.75 -21.07
C THR A 265 -26.45 20.96 -19.95
N TYR A 266 -25.30 20.36 -20.24
CA TYR A 266 -24.58 19.63 -19.21
C TYR A 266 -23.96 20.59 -18.20
N GLY A 267 -24.14 20.28 -16.93
CA GLY A 267 -23.60 21.10 -15.85
C GLY A 267 -24.35 20.82 -14.56
N ASP A 268 -23.93 21.54 -13.51
CA ASP A 268 -24.56 21.46 -12.19
C ASP A 268 -26.08 21.49 -12.33
N ALA A 269 -26.75 20.39 -11.95
CA ALA A 269 -28.19 20.30 -12.14
C ALA A 269 -28.97 21.41 -11.40
N GLU A 270 -28.37 22.06 -10.41
CA GLU A 270 -29.08 23.09 -9.65
C GLU A 270 -28.87 24.51 -10.18
N LYS A 271 -28.27 24.87 -11.02
CA LYS A 271 -27.77 26.05 -11.72
C LYS A 271 -28.37 26.13 -13.11
N GLY A 272 -28.54 27.34 -13.59
CA GLY A 272 -28.96 27.56 -14.96
C GLY A 272 -30.31 26.95 -15.30
N GLU A 273 -30.53 26.81 -16.61
CA GLU A 273 -31.79 26.34 -17.15
C GLU A 273 -31.58 25.01 -17.88
N ASN A 274 -32.43 24.03 -17.54
CA ASN A 274 -32.42 22.71 -18.16
C ASN A 274 -31.04 22.07 -18.09
N GLN A 275 -30.37 22.22 -16.96
CA GLN A 275 -29.05 21.62 -16.78
C GLN A 275 -29.19 20.21 -16.24
N PHE A 276 -28.28 19.34 -16.65
CA PHE A 276 -28.26 17.96 -16.21
C PHE A 276 -26.81 17.52 -16.08
N LYS A 277 -26.62 16.50 -15.25
CA LYS A 277 -25.30 15.96 -14.99
C LYS A 277 -25.34 14.44 -15.08
N THR A 278 -26.31 13.82 -14.39
CA THR A 278 -26.44 12.35 -14.34
C THR A 278 -27.40 11.85 -15.39
N LEU A 279 -27.39 10.53 -15.57
CA LEU A 279 -28.39 9.91 -16.44
C LEU A 279 -29.80 10.12 -15.89
N GLY A 280 -29.92 10.07 -14.55
CA GLY A 280 -31.19 10.41 -13.93
C GLY A 280 -31.63 11.83 -14.24
N ASP A 281 -30.75 12.82 -14.02
CA ASP A 281 -31.13 14.19 -14.35
C ASP A 281 -31.60 14.30 -15.80
N LEU A 282 -30.94 13.59 -16.73
CA LEU A 282 -31.37 13.71 -18.13
C LEU A 282 -32.69 12.98 -18.37
N GLN A 283 -32.89 11.85 -17.69
CA GLN A 283 -34.14 11.13 -17.81
C GLN A 283 -35.32 12.01 -17.38
N LYS A 284 -35.20 12.60 -16.20
CA LYS A 284 -36.24 13.47 -15.65
C LYS A 284 -36.50 14.67 -16.55
N LEU A 285 -35.44 15.29 -17.04
CA LEU A 285 -35.59 16.46 -17.92
C LEU A 285 -36.25 16.06 -19.23
N LEU A 286 -35.82 14.95 -19.83
CA LEU A 286 -36.44 14.46 -21.06
C LEU A 286 -37.90 14.05 -20.86
N LYS A 287 -38.26 13.52 -19.69
CA LYS A 287 -39.64 13.08 -19.49
C LYS A 287 -40.59 14.25 -19.34
N GLU A 288 -40.18 15.30 -18.62
CA GLU A 288 -41.03 16.46 -18.40
C GLU A 288 -41.24 17.27 -19.69
N LYS A 289 -40.16 17.54 -20.45
CA LYS A 289 -40.29 18.44 -21.60
C LYS A 289 -40.86 17.75 -22.83
N THR A 290 -40.48 16.51 -23.07
CA THR A 290 -41.08 15.71 -24.12
C THR A 290 -41.96 14.67 -23.44
N GLY A 291 -42.44 13.70 -24.21
CA GLY A 291 -43.14 12.60 -23.58
C GLY A 291 -42.29 11.38 -23.36
N LEU A 292 -41.00 11.44 -23.67
CA LEU A 292 -40.21 10.25 -23.94
C LEU A 292 -39.49 9.75 -22.70
N ASP A 293 -39.28 8.43 -22.67
CA ASP A 293 -38.57 7.76 -21.60
C ASP A 293 -37.12 7.50 -22.00
N LEU A 294 -36.20 7.80 -21.10
CA LEU A 294 -34.79 7.40 -21.23
C LEU A 294 -34.53 6.18 -20.35
N ASN A 295 -34.35 5.01 -20.98
CA ASN A 295 -34.26 3.74 -20.29
C ASN A 295 -32.88 3.10 -20.46
N LEU A 296 -32.47 2.34 -19.45
CA LEU A 296 -31.36 1.39 -19.57
C LEU A 296 -31.90 0.01 -19.96
N ILE A 297 -31.39 -0.54 -21.06
CA ILE A 297 -31.81 -1.85 -21.56
C ILE A 297 -30.61 -2.75 -21.87
N LYS A 298 -30.86 -4.04 -21.92
CA LYS A 298 -29.85 -5.00 -22.36
C LYS A 298 -29.92 -5.15 -23.86
N SER A 299 -28.76 -5.16 -24.50
CA SER A 299 -28.69 -5.31 -25.95
C SER A 299 -29.13 -6.69 -26.41
N GLU A 300 -29.13 -7.67 -25.50
CA GLU A 300 -29.57 -9.04 -25.75
C GLU A 300 -30.25 -9.46 -24.45
N LYS A 301 -31.58 -9.38 -24.41
CA LYS A 301 -32.28 -9.33 -23.12
C LYS A 301 -32.38 -10.68 -22.44
N ASP A 302 -32.14 -11.78 -23.14
CA ASP A 302 -32.06 -13.06 -22.46
C ASP A 302 -30.66 -13.35 -21.93
N ALA A 303 -29.66 -12.59 -22.36
CA ALA A 303 -28.33 -12.74 -21.80
C ALA A 303 -28.30 -12.26 -20.36
N LYS A 304 -27.53 -12.96 -19.54
CA LYS A 304 -27.30 -12.57 -18.16
C LYS A 304 -26.66 -11.18 -18.11
N SER A 305 -25.39 -11.07 -18.53
CA SER A 305 -24.68 -9.79 -18.48
C SER A 305 -24.22 -9.37 -19.88
N PRO A 306 -25.12 -8.89 -20.73
CA PRO A 306 -24.72 -8.43 -22.07
C PRO A 306 -24.30 -6.97 -22.05
N PRO A 307 -23.75 -6.45 -23.14
CA PRO A 307 -23.56 -5.00 -23.26
C PRO A 307 -24.90 -4.29 -23.11
N LEU A 308 -24.88 -3.15 -22.45
CA LEU A 308 -26.09 -2.40 -22.15
C LEU A 308 -26.20 -1.18 -23.06
N LEU A 309 -27.43 -0.78 -23.34
CA LEU A 309 -27.71 0.37 -24.18
C LEU A 309 -28.64 1.32 -23.44
N LEU A 310 -28.63 2.58 -23.89
CA LEU A 310 -29.66 3.55 -23.59
C LEU A 310 -30.72 3.52 -24.69
N GLU A 311 -31.95 3.87 -24.32
CA GLU A 311 -33.07 3.74 -25.22
C GLU A 311 -34.05 4.88 -25.01
N ILE A 312 -34.37 5.59 -26.09
CA ILE A 312 -35.39 6.64 -26.05
C ILE A 312 -36.67 6.02 -26.58
N ALA A 313 -37.68 5.93 -25.71
CA ALA A 313 -38.90 5.19 -26.01
C ALA A 313 -40.12 6.05 -25.75
N ASN A 314 -41.15 5.85 -26.57
CA ASN A 314 -42.44 6.48 -26.36
C ASN A 314 -43.32 5.49 -25.61
N PRO A 315 -43.79 5.82 -24.41
CA PRO A 315 -44.60 4.85 -23.66
C PRO A 315 -46.03 4.73 -24.17
N SER A 316 -46.63 5.85 -24.61
CA SER A 316 -47.97 5.79 -25.14
C SER A 316 -48.00 5.15 -26.53
N GLN A 317 -49.19 4.73 -26.94
CA GLN A 317 -49.33 4.17 -28.28
C GLN A 317 -49.67 5.22 -29.31
N THR A 318 -49.99 6.43 -28.89
CA THR A 318 -50.12 7.56 -29.81
C THR A 318 -48.72 8.11 -30.13
N PRO A 319 -48.32 8.14 -31.40
CA PRO A 319 -46.90 8.38 -31.73
C PRO A 319 -46.44 9.80 -31.42
N ILE A 320 -45.12 9.95 -31.44
CA ILE A 320 -44.42 11.22 -31.21
C ILE A 320 -43.21 11.27 -32.14
N THR A 321 -43.06 12.37 -32.87
CA THR A 321 -41.89 12.58 -33.71
C THR A 321 -40.94 13.54 -33.00
N PHE A 322 -39.66 13.17 -32.94
CA PHE A 322 -38.70 13.93 -32.14
C PHE A 322 -37.37 14.02 -32.88
N SER A 323 -36.68 15.13 -32.68
CA SER A 323 -35.30 15.29 -33.13
C SER A 323 -34.36 15.38 -31.93
N LEU A 324 -33.10 15.13 -32.21
CA LEU A 324 -32.09 15.14 -31.23
C LEU A 324 -30.70 15.30 -31.81
N SER A 325 -29.90 16.17 -31.24
CA SER A 325 -28.56 16.40 -31.70
C SER A 325 -27.71 17.03 -30.63
N GLY A 326 -26.44 17.14 -30.94
CA GLY A 326 -25.43 17.66 -30.08
C GLY A 326 -24.31 16.64 -29.95
N GLY A 327 -23.23 17.05 -29.31
CA GLY A 327 -22.10 16.21 -29.09
C GLY A 327 -22.38 14.93 -28.33
N ILE A 328 -23.19 15.01 -27.30
CA ILE A 328 -23.51 13.88 -26.49
C ILE A 328 -24.33 12.85 -27.24
N ALA A 329 -25.20 13.35 -28.09
CA ALA A 329 -26.01 12.54 -28.93
C ALA A 329 -25.18 11.85 -29.97
N ASP A 330 -24.28 12.58 -30.61
CA ASP A 330 -23.40 12.03 -31.61
C ASP A 330 -22.60 10.90 -30.99
N LYS A 331 -22.02 11.12 -29.85
CA LYS A 331 -21.22 10.15 -29.14
C LYS A 331 -21.93 8.89 -28.76
N LEU A 332 -23.17 9.00 -28.37
CA LEU A 332 -23.96 7.89 -27.97
C LEU A 332 -24.71 7.23 -29.11
N GLY A 333 -24.70 7.79 -30.28
CA GLY A 333 -25.46 7.25 -31.37
C GLY A 333 -26.95 7.40 -31.14
N LEU A 334 -27.34 8.53 -30.62
CA LEU A 334 -28.72 8.79 -30.35
C LEU A 334 -29.27 9.92 -31.19
N ASN A 335 -28.59 10.26 -32.27
CA ASN A 335 -29.00 11.32 -33.16
C ASN A 335 -30.26 11.04 -33.90
N ALA A 336 -31.18 11.97 -33.89
CA ALA A 336 -32.38 11.75 -34.64
C ALA A 336 -32.82 13.05 -35.26
N ASN A 337 -33.75 12.97 -36.18
CA ASN A 337 -34.24 14.16 -36.81
C ASN A 337 -35.73 14.27 -36.67
N GLY A 338 -36.46 13.61 -37.52
CA GLY A 338 -37.88 13.64 -37.40
C GLY A 338 -38.31 12.21 -37.36
N MET A 339 -37.81 11.52 -36.36
CA MET A 339 -38.07 10.15 -36.18
C MET A 339 -39.29 9.99 -35.31
N GLU A 340 -40.13 9.07 -35.72
CA GLU A 340 -41.38 8.79 -35.06
C GLU A 340 -41.28 7.62 -34.14
N LEU A 341 -41.68 7.84 -32.92
CA LEU A 341 -41.70 6.78 -31.91
C LEU A 341 -43.13 6.57 -31.45
N LYS A 342 -43.68 5.39 -31.74
CA LYS A 342 -44.87 4.91 -31.09
C LYS A 342 -44.44 3.91 -30.02
N LYS A 343 -45.41 3.23 -29.41
CA LYS A 343 -45.11 2.35 -28.29
C LYS A 343 -44.04 1.32 -28.63
N GLY A 344 -44.16 0.67 -29.80
CA GLY A 344 -43.22 -0.38 -30.14
C GLY A 344 -41.87 0.12 -30.59
N ILE A 345 -41.81 1.35 -31.12
CA ILE A 345 -40.65 1.87 -31.83
C ILE A 345 -39.78 2.69 -30.88
N SER A 346 -38.47 2.45 -30.92
CA SER A 346 -37.55 3.05 -29.97
C SER A 346 -36.24 3.41 -30.66
N ARG A 347 -35.59 4.46 -30.14
CA ARG A 347 -34.30 4.93 -30.62
C ARG A 347 -33.23 4.55 -29.58
N ASP A 348 -32.28 3.71 -29.99
CA ASP A 348 -31.33 3.05 -29.11
C ASP A 348 -29.90 3.52 -29.37
N SER A 349 -29.14 3.68 -28.29
CA SER A 349 -27.75 4.11 -28.38
C SER A 349 -26.85 2.94 -28.74
N VAL A 350 -25.56 3.23 -28.94
CA VAL A 350 -24.51 2.22 -28.99
C VAL A 350 -24.27 1.77 -27.56
N ALA A 351 -23.49 0.70 -27.38
CA ALA A 351 -23.24 0.19 -26.04
C ALA A 351 -22.35 1.14 -25.24
N ILE A 352 -22.54 1.12 -23.93
CA ILE A 352 -22.01 2.11 -23.00
C ILE A 352 -20.91 1.48 -22.17
N LYS A 353 -19.81 2.24 -21.94
CA LYS A 353 -18.72 1.78 -21.09
C LYS A 353 -18.45 2.79 -19.99
N ILE A 354 -17.74 2.33 -18.97
CA ILE A 354 -17.48 3.08 -17.74
C ILE A 354 -15.98 3.05 -17.46
N PRO A 355 -15.38 4.16 -17.03
CA PRO A 355 -13.95 4.14 -16.68
C PRO A 355 -13.67 3.20 -15.51
N TYR A 356 -12.54 2.50 -15.59
CA TYR A 356 -12.31 1.27 -14.83
C TYR A 356 -10.87 1.22 -14.38
N TYR A 357 -10.62 0.48 -13.29
CA TYR A 357 -9.27 0.08 -12.92
C TYR A 357 -9.37 -1.09 -11.93
N SER A 358 -8.23 -1.73 -11.70
CA SER A 358 -8.15 -2.85 -10.75
C SER A 358 -6.75 -2.90 -10.17
N THR A 359 -6.66 -3.23 -8.89
CA THR A 359 -5.39 -3.36 -8.19
C THR A 359 -5.41 -4.67 -7.43
N GLU A 360 -4.24 -5.08 -6.93
CA GLU A 360 -4.10 -6.38 -6.30
C GLU A 360 -2.84 -6.35 -5.43
N VAL A 361 -2.98 -6.79 -4.19
CA VAL A 361 -1.91 -6.77 -3.18
C VAL A 361 -1.74 -8.21 -2.65
N ASP A 362 -0.49 -8.62 -2.48
CA ASP A 362 -0.22 -9.90 -1.85
C ASP A 362 -0.43 -9.78 -0.34
N ILE A 363 -1.26 -10.65 0.22
CA ILE A 363 -1.44 -10.69 1.66
C ILE A 363 -1.28 -12.13 2.13
N TYR A 364 -1.08 -12.27 3.45
CA TYR A 364 -0.63 -13.52 4.04
C TYR A 364 -1.42 -13.83 5.28
N ASP A 365 -1.79 -15.12 5.44
CA ASP A 365 -2.48 -15.58 6.64
C ASP A 365 -1.46 -15.87 7.75
N LYS A 366 -1.93 -16.41 8.88
CA LYS A 366 -1.00 -16.71 9.99
C LYS A 366 0.06 -17.73 9.57
N ALA A 367 -0.25 -18.60 8.60
CA ALA A 367 0.67 -19.60 8.14
C ALA A 367 1.65 -19.07 7.10
N GLY A 368 1.43 -17.85 6.58
CA GLY A 368 2.29 -17.28 5.57
C GLY A 368 1.86 -17.59 4.16
N ASP A 369 0.68 -18.17 3.97
CA ASP A 369 0.15 -18.47 2.66
C ASP A 369 -0.38 -17.20 2.01
N LYS A 370 -0.15 -17.10 0.71
CA LYS A 370 -0.50 -15.90 -0.02
C LYS A 370 -1.97 -15.93 -0.42
N TYR A 371 -2.66 -14.82 -0.16
CA TYR A 371 -3.96 -14.50 -0.70
C TYR A 371 -3.86 -13.17 -1.44
N LEU A 372 -4.88 -12.84 -2.23
CA LEU A 372 -4.81 -11.72 -3.14
C LEU A 372 -5.91 -10.69 -2.82
N LEU A 373 -5.52 -9.54 -2.30
CA LEU A 373 -6.48 -8.49 -1.95
C LEU A 373 -6.77 -7.68 -3.22
N GLN A 374 -7.94 -7.92 -3.82
CA GLN A 374 -8.26 -7.32 -5.10
C GLN A 374 -9.26 -6.18 -4.94
N SER A 375 -9.13 -5.20 -5.83
CA SER A 375 -10.00 -4.03 -5.88
C SER A 375 -10.30 -3.73 -7.33
N GLU A 376 -11.57 -3.51 -7.62
CA GLU A 376 -12.01 -3.02 -8.93
C GLU A 376 -12.71 -1.68 -8.75
N TYR A 377 -12.43 -0.75 -9.66
CA TYR A 377 -12.81 0.65 -9.54
C TYR A 377 -13.70 1.03 -10.72
N TYR A 378 -14.82 1.69 -10.44
CA TYR A 378 -15.75 2.16 -11.46
C TYR A 378 -15.98 3.64 -11.20
N MET A 379 -15.78 4.47 -12.23
CA MET A 379 -15.93 5.92 -12.07
C MET A 379 -17.38 6.34 -12.19
N THR A 380 -17.83 7.17 -11.26
CA THR A 380 -19.24 7.49 -11.16
C THR A 380 -19.53 8.97 -11.33
N ASN A 381 -18.56 9.83 -11.09
CA ASN A 381 -18.76 11.27 -11.12
C ASN A 381 -17.47 11.93 -11.57
N SER A 382 -17.58 12.90 -12.47
CA SER A 382 -16.40 13.62 -12.92
C SER A 382 -16.44 15.04 -12.39
N ASN A 383 -15.26 15.62 -12.16
CA ASN A 383 -15.16 16.97 -11.63
C ASN A 383 -15.23 17.97 -12.80
N ASP A 384 -16.39 18.60 -12.95
CA ASP A 384 -16.62 19.62 -13.95
C ASP A 384 -15.94 20.92 -13.51
N PRO A 385 -15.02 21.48 -14.29
CA PRO A 385 -14.35 22.71 -13.85
C PRO A 385 -15.29 23.88 -13.65
N THR A 386 -16.48 23.89 -14.26
CA THR A 386 -17.38 25.02 -14.06
C THR A 386 -18.24 24.90 -12.80
N SER A 387 -18.04 23.85 -12.00
CA SER A 387 -18.78 23.68 -10.75
C SER A 387 -18.19 24.56 -9.64
N SER A 388 -19.05 25.03 -8.75
CA SER A 388 -18.64 25.84 -7.60
C SER A 388 -18.55 24.98 -6.33
N PRO A 389 -17.96 25.53 -5.24
CA PRO A 389 -17.99 24.80 -3.96
C PRO A 389 -19.38 24.39 -3.49
N THR A 390 -20.44 25.03 -3.97
CA THR A 390 -21.79 24.60 -3.57
C THR A 390 -22.31 23.37 -4.33
N SER A 391 -21.64 22.96 -5.40
CA SER A 391 -22.15 21.84 -6.21
C SER A 391 -22.10 20.56 -5.39
N LYS A 392 -23.20 19.81 -5.39
CA LYS A 392 -23.22 18.60 -4.58
C LYS A 392 -22.36 17.49 -5.16
N ARG A 393 -22.07 17.51 -6.47
CA ARG A 393 -21.26 16.47 -7.06
C ARG A 393 -20.05 17.13 -7.70
N LYS A 394 -19.40 18.00 -6.93
CA LYS A 394 -18.18 18.64 -7.40
C LYS A 394 -17.03 17.65 -7.53
N ASN A 395 -16.83 16.81 -6.51
CA ASN A 395 -15.64 15.95 -6.48
C ASN A 395 -15.77 14.76 -7.43
N GLN A 396 -14.67 14.44 -8.10
CA GLN A 396 -14.61 13.20 -8.85
C GLN A 396 -14.68 12.03 -7.90
N THR A 397 -15.47 11.00 -8.26
CA THR A 397 -15.63 9.85 -7.38
C THR A 397 -15.57 8.57 -8.18
N TRP A 398 -15.08 7.54 -7.52
CA TRP A 398 -15.12 6.16 -8.00
C TRP A 398 -15.77 5.32 -6.91
N GLU A 399 -16.50 4.28 -7.32
CA GLU A 399 -16.97 3.26 -6.38
C GLU A 399 -16.10 2.02 -6.50
N VAL A 400 -15.58 1.56 -5.36
CA VAL A 400 -14.58 0.50 -5.29
C VAL A 400 -15.16 -0.76 -4.66
N LYS A 401 -14.99 -1.89 -5.34
CA LYS A 401 -15.48 -3.21 -4.91
C LYS A 401 -14.25 -4.03 -4.52
N SER A 402 -14.10 -4.34 -3.23
CA SER A 402 -12.91 -5.03 -2.74
C SER A 402 -13.23 -6.37 -2.09
N TYR A 403 -12.34 -7.35 -2.29
CA TYR A 403 -12.51 -8.72 -1.80
C TYR A 403 -11.15 -9.41 -1.86
N ILE A 404 -11.10 -10.62 -1.28
CA ILE A 404 -9.88 -11.42 -1.17
C ILE A 404 -10.08 -12.73 -1.92
N VAL A 405 -9.16 -13.05 -2.83
CA VAL A 405 -9.27 -14.27 -3.61
C VAL A 405 -8.16 -15.22 -3.22
N ASP A 406 -8.50 -16.50 -3.16
CA ASP A 406 -7.49 -17.54 -3.02
C ASP A 406 -6.80 -17.73 -4.36
N PRO A 407 -5.50 -17.44 -4.48
CA PRO A 407 -4.82 -17.66 -5.77
C PRO A 407 -4.82 -19.12 -6.17
N LYS A 408 -5.03 -20.04 -5.23
CA LYS A 408 -4.92 -21.46 -5.50
C LYS A 408 -6.13 -22.01 -6.26
N ASN A 409 -7.32 -21.40 -6.07
CA ASN A 409 -8.49 -21.79 -6.85
C ASN A 409 -9.13 -20.59 -7.55
N LYS A 410 -8.43 -19.44 -7.59
CA LYS A 410 -8.89 -18.22 -8.27
C LYS A 410 -10.33 -17.87 -7.88
N THR A 411 -10.62 -18.01 -6.60
CA THR A 411 -11.96 -17.79 -6.09
C THR A 411 -11.93 -16.91 -4.86
N PRO A 412 -12.84 -15.94 -4.75
CA PRO A 412 -12.96 -15.16 -3.52
C PRO A 412 -13.32 -16.04 -2.33
N ILE A 413 -12.73 -15.69 -1.17
CA ILE A 413 -13.03 -16.31 0.12
C ILE A 413 -14.12 -15.48 0.78
N ASN A 414 -14.60 -14.48 0.07
CA ASN A 414 -15.14 -13.26 0.65
C ASN A 414 -16.37 -12.81 -0.11
N ASP A 415 -17.28 -12.08 0.60
CA ASP A 415 -18.16 -11.29 -0.27
C ASP A 415 -17.50 -9.94 -0.53
N PRO A 416 -17.83 -9.28 -1.63
CA PRO A 416 -17.22 -7.95 -1.88
C PRO A 416 -17.71 -6.90 -0.90
N THR A 417 -16.79 -5.99 -0.54
CA THR A 417 -17.06 -4.81 0.28
C THR A 417 -16.95 -3.55 -0.59
N TRP A 418 -18.03 -2.77 -0.63
CA TRP A 418 -18.09 -1.57 -1.47
C TRP A 418 -17.77 -0.34 -0.66
N GLU A 419 -17.00 0.56 -1.27
CA GLU A 419 -16.58 1.79 -0.63
C GLU A 419 -16.59 2.88 -1.71
N ILE A 420 -17.00 4.09 -1.34
CA ILE A 420 -17.04 5.20 -2.30
C ILE A 420 -15.85 6.11 -2.02
N VAL A 421 -15.15 6.47 -3.08
CA VAL A 421 -13.88 7.17 -3.01
C VAL A 421 -13.99 8.49 -3.78
N GLY A 422 -13.44 9.59 -3.20
CA GLY A 422 -13.49 10.89 -3.82
C GLY A 422 -12.10 11.52 -3.94
N PHE A 423 -12.01 12.60 -4.71
CA PHE A 423 -10.74 13.30 -4.90
C PHE A 423 -10.89 14.80 -4.68
N ASP A 424 -9.95 15.36 -3.94
CA ASP A 424 -9.93 16.81 -3.71
C ASP A 424 -9.80 17.54 -5.04
N SER A 425 -10.72 18.48 -5.29
CA SER A 425 -10.76 19.10 -6.62
C SER A 425 -9.53 19.96 -6.91
N ALA A 426 -8.78 20.38 -5.87
CA ALA A 426 -7.58 21.22 -6.04
C ALA A 426 -6.30 20.38 -6.01
N THR A 427 -5.79 20.08 -4.82
CA THR A 427 -4.83 18.99 -4.65
C THR A 427 -5.48 17.73 -5.18
N HIS A 428 -4.70 16.84 -5.76
CA HIS A 428 -5.40 15.68 -6.34
C HIS A 428 -5.39 14.47 -5.41
N LYS A 429 -5.42 14.71 -4.09
CA LYS A 429 -5.34 13.62 -3.11
C LYS A 429 -6.71 12.96 -2.94
N MET A 430 -6.69 11.65 -2.75
CA MET A 430 -7.91 10.88 -2.52
C MET A 430 -8.55 11.18 -1.16
N LYS A 431 -9.88 11.15 -1.13
CA LYS A 431 -10.73 11.36 0.05
C LYS A 431 -11.53 10.10 0.30
N SER A 432 -11.19 9.34 1.34
CA SER A 432 -11.87 8.07 1.57
C SER A 432 -11.63 7.63 2.99
N ALA A 433 -12.43 6.65 3.42
CA ALA A 433 -12.39 6.13 4.77
C ALA A 433 -11.98 4.66 4.74
N PRO A 434 -11.17 4.24 5.71
CA PRO A 434 -10.74 2.83 5.72
C PRO A 434 -11.92 1.88 5.91
N MET A 435 -11.74 0.65 5.48
CA MET A 435 -12.82 -0.33 5.52
C MET A 435 -12.33 -1.58 6.25
N THR A 436 -13.29 -2.43 6.60
CA THR A 436 -12.99 -3.67 7.32
C THR A 436 -13.39 -4.86 6.48
N LEU A 437 -12.42 -5.65 6.08
CA LEU A 437 -12.64 -6.91 5.38
C LEU A 437 -12.51 -8.03 6.38
N ASP A 438 -13.18 -9.14 6.09
CA ASP A 438 -13.00 -10.38 6.84
C ASP A 438 -12.00 -11.28 6.10
N PHE A 439 -10.85 -11.50 6.71
CA PHE A 439 -9.78 -12.33 6.15
C PHE A 439 -9.72 -13.66 6.91
N LYS A 440 -10.52 -14.62 6.47
CA LYS A 440 -10.54 -15.98 7.03
C LYS A 440 -10.78 -15.98 8.53
N GLY A 441 -11.75 -15.15 8.97
CA GLY A 441 -12.01 -15.00 10.38
C GLY A 441 -11.23 -13.91 11.08
N ASN A 442 -10.33 -13.23 10.39
CA ASN A 442 -9.57 -12.15 10.99
C ASN A 442 -9.97 -10.82 10.37
N LYS A 443 -9.90 -9.76 11.17
CA LYS A 443 -10.21 -8.42 10.70
C LYS A 443 -8.97 -7.80 10.07
N LEU A 444 -9.10 -7.38 8.81
CA LEU A 444 -8.07 -6.62 8.12
C LEU A 444 -8.59 -5.22 7.80
N THR A 445 -7.88 -4.19 8.28
CA THR A 445 -8.19 -2.79 7.98
C THR A 445 -7.57 -2.40 6.65
N TYR A 446 -8.40 -2.03 5.66
CA TYR A 446 -7.93 -1.73 4.30
C TYR A 446 -8.19 -0.25 4.00
N SER A 447 -7.12 0.47 3.62
CA SER A 447 -7.20 1.90 3.30
C SER A 447 -6.76 2.13 1.86
N LEU A 448 -7.62 2.78 1.09
CA LEU A 448 -7.39 3.00 -0.33
C LEU A 448 -6.61 4.28 -0.62
N ASP A 449 -6.22 5.06 0.38
CA ASP A 449 -5.97 6.47 0.12
C ASP A 449 -4.53 6.88 0.26
N LYS A 450 -3.67 6.03 0.83
CA LYS A 450 -2.24 6.27 0.91
C LYS A 450 -1.59 5.01 1.48
N SER A 451 -0.28 4.91 1.23
CA SER A 451 0.63 3.93 1.80
C SER A 451 1.67 4.69 2.62
N GLU A 452 2.75 3.99 2.99
CA GLU A 452 3.82 4.61 3.77
C GLU A 452 4.43 5.82 3.06
N ASN A 453 4.68 5.72 1.76
CA ASN A 453 5.47 6.76 1.11
C ASN A 453 4.76 7.51 -0.01
N HIS A 454 3.54 7.12 -0.40
CA HIS A 454 2.81 7.81 -1.45
C HIS A 454 1.34 7.90 -1.06
N ASP A 455 0.68 8.93 -1.61
CA ASP A 455 -0.75 9.20 -1.50
C ASP A 455 -1.47 8.82 -2.80
N SER A 456 -2.73 8.39 -2.67
CA SER A 456 -3.51 8.08 -3.85
C SER A 456 -4.03 9.37 -4.50
N SER A 457 -4.22 9.29 -5.82
CA SER A 457 -4.47 10.51 -6.58
C SER A 457 -5.30 10.20 -7.81
N ASP A 458 -5.88 11.26 -8.37
CA ASP A 458 -6.51 11.20 -9.69
C ASP A 458 -5.75 12.10 -10.66
N LEU A 459 -4.42 11.94 -10.73
CA LEU A 459 -3.55 12.76 -11.58
C LEU A 459 -3.76 12.44 -13.06
N SER A 460 -4.02 13.48 -13.85
CA SER A 460 -4.34 13.30 -15.27
C SER A 460 -3.11 12.89 -16.09
N TYR A 461 -1.92 13.38 -15.71
CA TYR A 461 -0.75 13.16 -16.54
C TYR A 461 -0.17 11.76 -16.38
N GLN A 462 -0.57 11.02 -15.35
CA GLN A 462 -0.05 9.69 -15.05
C GLN A 462 -1.10 8.63 -15.38
N ASP A 463 -0.64 7.47 -15.89
CA ASP A 463 -1.59 6.37 -16.10
C ASP A 463 -2.22 5.93 -14.78
N SER A 464 -3.35 5.25 -14.87
CA SER A 464 -3.80 4.47 -13.71
C SER A 464 -2.69 3.51 -13.29
N LYS A 465 -2.39 3.47 -11.99
CA LYS A 465 -1.19 2.81 -11.55
C LYS A 465 -1.26 2.56 -10.05
N LEU A 466 -0.78 1.39 -9.63
CA LEU A 466 -0.55 1.15 -8.21
C LEU A 466 0.86 1.63 -7.84
N LEU A 467 0.91 2.64 -6.98
CA LEU A 467 2.17 3.25 -6.57
C LEU A 467 2.90 2.44 -5.51
N GLU A 468 2.21 2.06 -4.44
CA GLU A 468 2.83 1.36 -3.33
C GLU A 468 1.77 0.62 -2.52
N ALA A 469 2.11 -0.57 -2.03
CA ALA A 469 1.27 -1.32 -1.09
C ALA A 469 2.05 -1.53 0.21
N SER A 470 1.57 -0.94 1.28
CA SER A 470 2.14 -1.06 2.62
C SER A 470 1.25 -1.98 3.45
N GLN A 471 1.87 -2.80 4.28
CA GLN A 471 1.15 -3.91 4.86
C GLN A 471 2.05 -4.63 5.85
N ASP A 472 1.45 -5.11 6.94
CA ASP A 472 2.25 -5.68 8.01
C ASP A 472 2.45 -7.18 7.85
N GLY A 473 1.79 -7.83 6.90
CA GLY A 473 1.92 -9.28 6.77
C GLY A 473 3.21 -9.67 6.08
N LYS A 474 3.73 -10.86 6.42
CA LYS A 474 5.04 -11.34 5.95
C LYS A 474 4.92 -12.83 5.65
N PRO A 475 5.59 -13.30 4.61
CA PRO A 475 5.61 -14.74 4.33
C PRO A 475 6.74 -15.48 5.03
N ARG A 476 6.57 -16.79 5.12
CA ARG A 476 7.60 -17.69 5.62
C ARG A 476 8.93 -17.46 4.89
N GLY A 477 10.05 -17.60 5.60
CA GLY A 477 11.34 -17.51 4.97
C GLY A 477 12.38 -18.38 5.64
N ILE A 478 13.40 -18.75 4.87
CA ILE A 478 14.57 -19.47 5.39
C ILE A 478 15.72 -18.49 5.46
N PHE A 479 16.65 -18.74 6.37
CA PHE A 479 17.84 -17.90 6.44
C PHE A 479 18.63 -18.01 5.14
N ARG A 480 19.16 -16.88 4.68
CA ARG A 480 19.92 -16.82 3.45
C ARG A 480 21.39 -16.48 3.72
N ASP A 481 21.69 -15.25 4.12
CA ASP A 481 23.07 -14.86 4.38
C ASP A 481 23.06 -13.82 5.49
N MET A 482 24.25 -13.51 6.00
CA MET A 482 24.38 -12.58 7.11
C MET A 482 25.37 -11.47 6.75
N ARG A 483 24.99 -10.24 7.06
CA ARG A 483 25.84 -9.07 6.84
C ARG A 483 26.23 -8.46 8.18
N ILE A 484 27.46 -7.97 8.24
CA ILE A 484 27.98 -7.23 9.38
C ILE A 484 28.60 -5.96 8.81
N GLU A 485 27.92 -4.83 8.98
CA GLU A 485 28.37 -3.57 8.43
C GLU A 485 29.66 -3.11 9.12
N GLU A 486 30.28 -2.09 8.52
CA GLU A 486 31.47 -1.49 9.11
C GLU A 486 31.16 -0.82 10.46
N ASN A 487 29.88 -0.69 10.82
CA ASN A 487 29.48 -0.20 12.13
C ASN A 487 29.16 -1.32 13.11
N GLY A 488 29.43 -2.57 12.76
CA GLY A 488 29.13 -3.68 13.64
C GLY A 488 27.69 -4.10 13.65
N VAL A 489 26.83 -3.44 12.87
CA VAL A 489 25.41 -3.77 12.86
C VAL A 489 25.21 -5.08 12.10
N ILE A 490 24.50 -6.02 12.73
CA ILE A 490 24.37 -7.39 12.24
C ILE A 490 22.94 -7.58 11.74
N SER A 491 22.80 -7.83 10.44
CA SER A 491 21.50 -8.08 9.84
C SER A 491 21.47 -9.47 9.23
N LEU A 492 20.28 -10.06 9.19
CA LEU A 492 20.06 -11.36 8.60
C LEU A 492 19.15 -11.21 7.37
N ALA A 493 19.52 -11.85 6.27
CA ALA A 493 18.68 -11.94 5.09
C ALA A 493 17.98 -13.29 5.05
N PHE A 494 16.80 -13.31 4.45
CA PHE A 494 16.00 -14.52 4.37
C PHE A 494 15.50 -14.73 2.94
N SER A 495 14.90 -15.89 2.70
CA SER A 495 14.44 -16.23 1.36
C SER A 495 13.31 -15.31 0.89
N ASN A 496 12.48 -14.83 1.79
CA ASN A 496 11.41 -13.95 1.38
C ASN A 496 11.90 -12.56 1.03
N GLY A 497 13.21 -12.32 0.99
CA GLY A 497 13.69 -11.01 0.63
C GLY A 497 13.64 -9.99 1.75
N VAL A 498 13.52 -10.44 3.00
CA VAL A 498 13.53 -9.54 4.16
C VAL A 498 14.93 -9.52 4.73
N VAL A 499 15.42 -8.32 5.02
CA VAL A 499 16.72 -8.10 5.64
C VAL A 499 16.49 -7.20 6.85
N GLU A 500 16.65 -7.77 8.04
CA GLU A 500 16.46 -6.97 9.24
C GLU A 500 17.69 -7.13 10.13
N PRO A 501 18.18 -6.04 10.71
CA PRO A 501 19.22 -6.16 11.72
C PRO A 501 18.69 -6.90 12.93
N VAL A 502 19.59 -7.58 13.64
CA VAL A 502 19.24 -8.28 14.88
C VAL A 502 20.12 -7.89 16.06
N ALA A 503 21.31 -7.33 15.84
CA ALA A 503 22.26 -7.03 16.90
C ALA A 503 23.32 -6.08 16.38
N ARG A 504 24.19 -5.63 17.28
CA ARG A 504 25.46 -5.01 16.88
C ARG A 504 26.53 -5.38 17.88
N ILE A 505 27.77 -5.41 17.41
CA ILE A 505 28.92 -5.76 18.25
C ILE A 505 29.22 -4.61 19.19
N GLY A 506 29.33 -4.93 20.48
CA GLY A 506 29.78 -3.95 21.45
C GLY A 506 31.17 -3.43 21.12
N ILE A 507 31.35 -2.12 21.29
CA ILE A 507 32.64 -1.45 21.15
C ILE A 507 32.72 -0.40 22.26
N LEU A 508 33.82 -0.38 22.98
CA LEU A 508 34.03 0.59 24.04
C LEU A 508 35.44 1.16 23.92
N ALA A 509 35.56 2.46 24.19
CA ALA A 509 36.84 3.17 24.14
C ALA A 509 37.12 3.81 25.49
N PHE A 510 38.35 4.29 25.63
CA PHE A 510 38.80 4.94 26.85
C PHE A 510 39.73 6.08 26.47
N THR A 511 39.76 7.10 27.32
CA THR A 511 40.71 8.18 27.10
C THR A 511 42.13 7.82 27.52
N ASN A 512 42.31 6.68 28.21
CA ASN A 512 43.66 6.23 28.57
C ASN A 512 43.68 4.70 28.60
N ASP A 513 43.99 4.08 27.45
CA ASP A 513 44.08 2.63 27.39
C ASP A 513 45.22 2.09 28.25
N GLN A 514 46.25 2.89 28.49
CA GLN A 514 47.34 2.49 29.38
C GLN A 514 46.83 2.22 30.80
N GLY A 515 45.71 2.83 31.19
CA GLY A 515 45.14 2.62 32.52
C GLY A 515 44.44 1.29 32.71
N LEU A 516 44.30 0.49 31.66
CA LEU A 516 43.75 -0.85 31.79
C LEU A 516 44.81 -1.85 32.26
N ARG A 517 44.35 -2.91 32.93
CA ARG A 517 45.18 -4.00 33.41
C ARG A 517 45.18 -5.15 32.40
N LYS A 518 46.36 -5.66 32.09
CA LYS A 518 46.52 -6.78 31.18
C LYS A 518 46.41 -8.09 31.96
N ILE A 519 45.64 -9.03 31.43
CA ILE A 519 45.50 -10.37 31.99
C ILE A 519 45.83 -11.36 30.87
N GLY A 520 47.08 -11.33 30.42
CA GLY A 520 47.48 -12.05 29.24
C GLY A 520 47.30 -11.21 27.98
N GLY A 521 47.74 -11.78 26.85
CA GLY A 521 47.57 -11.12 25.57
C GLY A 521 46.13 -11.02 25.10
N ASN A 522 45.24 -11.84 25.65
CA ASN A 522 43.88 -11.86 25.13
C ASN A 522 43.12 -10.63 25.62
N LEU A 523 43.16 -10.36 26.92
CA LEU A 523 42.18 -9.53 27.59
C LEU A 523 42.84 -8.41 28.36
N TYR A 524 42.09 -7.32 28.51
CA TYR A 524 42.40 -6.24 29.43
C TYR A 524 41.19 -6.06 30.34
N GLU A 525 41.31 -5.17 31.32
CA GLU A 525 40.29 -5.02 32.36
C GLU A 525 40.46 -3.65 32.99
N MET A 526 39.36 -3.10 33.50
CA MET A 526 39.45 -1.85 34.23
C MET A 526 39.92 -2.11 35.67
N GLN A 527 40.44 -1.05 36.31
CA GLN A 527 41.03 -1.14 37.65
C GLN A 527 41.01 0.26 38.28
N GLU A 528 41.39 0.32 39.57
CA GLU A 528 41.31 1.56 40.37
C GLU A 528 42.71 2.10 40.71
N GLY A 529 42.77 3.01 41.69
CA GLY A 529 44.02 3.60 42.12
C GLY A 529 44.17 3.82 43.62
N PRO A 537 38.55 5.40 37.83
CA PRO A 537 38.67 4.09 37.17
C PRO A 537 39.84 4.00 36.20
N LEU A 538 40.78 4.94 36.31
CA LEU A 538 42.16 4.79 35.87
C LEU A 538 42.36 4.88 34.35
N SER A 539 41.66 4.04 33.61
CA SER A 539 41.53 4.23 32.17
C SER A 539 40.45 5.25 31.83
N GLY A 540 39.88 5.90 32.84
CA GLY A 540 38.66 6.67 32.63
C GLY A 540 37.49 5.72 32.49
N ASN A 541 36.27 6.27 32.51
CA ASN A 541 35.08 5.45 32.32
C ASN A 541 34.95 5.02 30.86
N PRO A 542 34.27 3.89 30.61
CA PRO A 542 34.19 3.38 29.24
C PRO A 542 33.31 4.28 28.40
N ILE A 543 33.75 4.55 27.18
CA ILE A 543 33.05 5.42 26.26
C ILE A 543 32.32 4.55 25.24
N LEU A 544 30.99 4.62 25.23
CA LEU A 544 30.19 3.87 24.27
C LEU A 544 30.70 4.13 22.86
N GLY A 545 30.87 3.06 22.09
CA GLY A 545 31.63 3.13 20.85
C GLY A 545 30.99 3.96 19.75
N TRP A 546 29.69 4.24 19.86
CA TRP A 546 28.91 4.84 18.80
C TRP A 546 28.19 6.07 19.33
N ASP A 547 27.92 7.01 18.43
CA ASP A 547 27.30 8.29 18.79
C ASP A 547 25.78 8.12 18.88
N GLU A 548 25.06 9.24 19.04
CA GLU A 548 23.60 9.18 19.05
C GLU A 548 23.04 8.77 17.70
N GLU A 549 23.81 8.89 16.63
CA GLU A 549 23.26 8.44 15.37
C GLU A 549 23.40 6.95 15.18
N GLY A 550 24.27 6.33 15.95
CA GLY A 550 24.53 4.93 15.79
C GLY A 550 25.72 4.73 14.88
N LYS A 551 26.59 5.73 14.79
CA LYS A 551 27.75 5.65 13.97
C LYS A 551 28.90 5.53 14.92
N LEU A 552 29.77 4.57 14.68
CA LEU A 552 30.91 4.38 15.54
C LEU A 552 31.75 5.61 15.47
N LYS A 553 32.23 6.07 16.61
CA LYS A 553 33.00 7.29 16.64
C LYS A 553 34.48 7.23 16.38
N PHE A 554 35.10 6.15 16.78
CA PHE A 554 36.52 6.00 16.72
C PHE A 554 37.10 4.92 15.83
N GLY A 555 36.26 4.20 15.12
CA GLY A 555 36.78 3.17 14.28
C GLY A 555 35.78 2.56 13.36
N LYS A 556 36.12 1.40 12.85
CA LYS A 556 35.29 0.65 11.92
C LYS A 556 35.51 -0.84 12.17
N ILE A 557 34.45 -1.63 12.03
CA ILE A 557 34.51 -3.07 12.18
C ILE A 557 34.60 -3.70 10.80
N ARG A 558 35.51 -4.66 10.64
CA ARG A 558 35.77 -5.28 9.34
C ARG A 558 35.42 -6.77 9.41
N HIS A 559 34.34 -7.15 8.74
CA HIS A 559 33.89 -8.54 8.75
C HIS A 559 34.83 -9.43 7.92
N LYS A 560 35.15 -10.59 8.48
CA LYS A 560 35.93 -11.64 7.82
C LYS A 560 37.40 -11.25 7.60
N TYR A 561 37.93 -10.40 8.48
CA TYR A 561 39.36 -10.17 8.64
C TYR A 561 39.73 -10.33 10.12
N LEU A 562 41.00 -10.66 10.37
CA LEU A 562 41.53 -10.79 11.72
C LEU A 562 42.80 -9.97 11.86
N GLU A 563 43.28 -9.85 13.10
CA GLU A 563 44.36 -8.94 13.45
C GLU A 563 45.65 -9.69 13.73
N THR A 564 46.77 -8.97 13.58
CA THR A 564 48.12 -9.40 13.94
C THR A 564 48.47 -10.80 13.44
C1 144 B . -22.84 9.61 -5.11
N 144 B . -22.22 8.82 -6.18
C2 144 B . -23.22 8.54 -7.21
O2 144 B . -24.08 7.48 -6.89
C3 144 B . -21.71 7.57 -5.65
O3 144 B . -20.76 7.01 -6.52
C4 144 B . -21.10 9.50 -6.84
O4 144 B . -20.78 10.82 -6.44
#